data_2EUY
#
_entry.id   2EUY
#
_entity_poly.entity_id   1
_entity_poly.type   'polyribonucleotide'
_entity_poly.pdbx_seq_one_letter_code
;GGCCUUAGGAAACAGUUCGCUGUGCCGAAAGGUC
;
_entity_poly.pdbx_strand_id   A
#